data_4WG0
#
_entry.id   4WG0
#
_cell.length_a   95.869
_cell.length_b   37.784
_cell.length_c   101.430
_cell.angle_alpha   90.00
_cell.angle_beta   96.84
_cell.angle_gamma   90.00
#
_symmetry.space_group_name_H-M   'C 1 2 1'
#
loop_
_entity.id
_entity.type
_entity.pdbx_description
1 polymer 'Nuclear receptor coactivator 2'
2 non-polymer 'SULFATE ION'
3 non-polymer 'CHOLIC ACID'
4 water water
#
_entity_poly.entity_id   1
_entity_poly.type   'polypeptide(L)'
_entity_poly.pdbx_seq_one_letter_code
;(ACE)EKNALLRYLLDKD(NH2)
;
_entity_poly.pdbx_strand_id   A,B,C,D,E,F,G,H,I,J,K,L,M
#
loop_
_chem_comp.id
_chem_comp.type
_chem_comp.name
_chem_comp.formula
ACE non-polymer 'ACETYL GROUP' 'C2 H4 O'
CHD non-polymer 'CHOLIC ACID' 'C24 H40 O5'
NH2 non-polymer 'AMINO GROUP' 'H2 N'
SO4 non-polymer 'SULFATE ION' 'O4 S -2'
#
# COMPACT_ATOMS: atom_id res chain seq x y z
C ACE A 1 33.71 -6.79 12.18
O ACE A 1 33.02 -6.05 11.48
CH3 ACE A 1 33.11 -7.69 13.25
N GLU A 2 35.03 -6.86 12.03
CA GLU A 2 35.70 -6.01 11.04
C GLU A 2 35.45 -6.38 9.58
N LYS A 3 35.36 -7.67 9.26
CA LYS A 3 34.99 -8.01 7.90
C LYS A 3 33.59 -7.51 7.59
N ASN A 4 32.63 -7.70 8.52
CA ASN A 4 31.28 -7.17 8.27
C ASN A 4 31.29 -5.67 8.07
N ALA A 5 32.10 -4.96 8.87
CA ALA A 5 32.17 -3.50 8.74
C ALA A 5 32.68 -3.10 7.36
N LEU A 6 33.72 -3.77 6.86
CA LEU A 6 34.19 -3.43 5.51
C LEU A 6 33.16 -3.79 4.46
N LEU A 7 32.51 -4.96 4.63
CA LEU A 7 31.45 -5.36 3.71
C LEU A 7 30.30 -4.37 3.71
N ARG A 8 29.88 -3.89 4.87
CA ARG A 8 28.80 -2.92 4.90
C ARG A 8 29.12 -1.69 4.06
N TYR A 9 30.34 -1.19 4.22
CA TYR A 9 30.79 -0.04 3.45
C TYR A 9 30.76 -0.30 1.95
N LEU A 10 31.33 -1.42 1.54
CA LEU A 10 31.43 -1.72 0.12
C LEU A 10 30.04 -1.96 -0.50
N LEU A 11 29.14 -2.52 0.29
CA LEU A 11 27.82 -2.91 -0.24
C LEU A 11 26.83 -1.76 -0.17
N ASP A 12 27.26 -0.64 0.39
CA ASP A 12 26.38 0.49 0.65
C ASP A 12 25.64 0.99 -0.59
N LYS A 13 26.27 0.93 -1.76
CA LYS A 13 25.63 1.39 -3.00
C LYS A 13 25.01 0.23 -3.80
N ASP A 14 24.62 -0.84 -3.10
CA ASP A 14 24.22 -2.08 -3.75
C ASP A 14 22.86 -2.63 -3.30
N NH2 A 15 22.56 -2.55 -2.00
HN1 NH2 A 15 23.22 -2.12 -1.36
HN2 NH2 A 15 21.67 -2.90 -1.66
C ACE B 1 21.35 -19.06 1.92
O ACE B 1 20.86 -17.93 2.09
CH3 ACE B 1 20.54 -20.32 1.90
N GLU B 2 22.67 -19.19 1.79
CA GLU B 2 23.53 -17.99 1.86
C GLU B 2 23.35 -17.05 0.68
N LYS B 3 23.15 -17.57 -0.54
CA LYS B 3 22.90 -16.65 -1.61
C LYS B 3 21.61 -15.88 -1.39
N ASN B 4 20.53 -16.54 -0.93
CA ASN B 4 19.30 -15.79 -0.67
C ASN B 4 19.55 -14.75 0.43
N ALA B 5 20.35 -15.08 1.45
CA ALA B 5 20.63 -14.13 2.54
C ALA B 5 21.30 -12.88 2.03
N LEU B 6 22.28 -13.05 1.16
CA LEU B 6 22.95 -11.91 0.59
C LEU B 6 22.01 -11.16 -0.33
N LEU B 7 21.20 -11.87 -1.13
CA LEU B 7 20.23 -11.19 -1.99
C LEU B 7 19.23 -10.37 -1.18
N ARG B 8 18.73 -10.92 -0.09
CA ARG B 8 17.78 -10.20 0.75
C ARG B 8 18.38 -8.91 1.26
N TYR B 9 19.63 -9.00 1.67
CA TYR B 9 20.31 -7.81 2.18
C TYR B 9 20.40 -6.76 1.11
N LEU B 10 20.84 -7.16 -0.08
CA LEU B 10 21.01 -6.22 -1.18
C LEU B 10 19.70 -5.64 -1.70
N LEU B 11 18.66 -6.46 -1.69
CA LEU B 11 17.38 -6.04 -2.23
C LEU B 11 16.56 -5.25 -1.23
N ASP B 12 16.92 -5.29 0.03
CA ASP B 12 15.97 -4.78 1.03
C ASP B 12 16.07 -3.27 1.18
N LYS B 13 16.58 -2.63 0.13
CA LYS B 13 16.30 -1.22 -0.14
C LYS B 13 15.27 -1.10 -1.28
N ASP B 14 15.01 -2.21 -1.97
CA ASP B 14 14.22 -2.20 -3.20
C ASP B 14 12.85 -2.84 -3.07
N NH2 B 15 12.59 -3.55 -1.97
HN1 NH2 B 15 11.69 -4.01 -1.86
HN2 NH2 B 15 13.30 -3.63 -1.26
C ACE C 1 22.64 -18.16 -12.56
O ACE C 1 23.22 -17.08 -12.62
CH3 ACE C 1 23.40 -19.47 -12.78
N GLU C 2 21.36 -18.25 -12.26
CA GLU C 2 20.53 -17.05 -12.08
C GLU C 2 20.88 -16.25 -10.83
N LYS C 3 21.05 -16.92 -9.69
CA LYS C 3 21.39 -16.17 -8.49
C LYS C 3 22.75 -15.49 -8.67
N ASN C 4 23.72 -16.16 -9.30
CA ASN C 4 25.03 -15.52 -9.55
C ASN C 4 24.85 -14.34 -10.51
N ALA C 5 24.02 -14.48 -11.54
CA ALA C 5 23.84 -13.40 -12.50
C ALA C 5 23.20 -12.16 -11.82
N LEU C 6 22.20 -12.41 -10.97
CA LEU C 6 21.54 -11.31 -10.28
C LEU C 6 22.51 -10.67 -9.28
N LEU C 7 23.26 -11.50 -8.55
CA LEU C 7 24.30 -10.97 -7.66
C LEU C 7 25.34 -10.14 -8.40
N ARG C 8 25.86 -10.58 -9.56
CA ARG C 8 26.84 -9.82 -10.31
CA ARG C 8 26.91 -9.74 -10.13
C ARG C 8 26.30 -8.45 -10.67
N TYR C 9 25.02 -8.43 -11.04
CA TYR C 9 24.38 -7.17 -11.45
C TYR C 9 24.30 -6.24 -10.27
N LEU C 10 23.86 -6.77 -9.13
CA LEU C 10 23.67 -5.93 -7.92
C LEU C 10 25.03 -5.44 -7.39
N LEU C 11 26.03 -6.29 -7.51
CA LEU C 11 27.35 -5.95 -6.94
C LEU C 11 28.23 -5.14 -7.87
N ASP C 12 27.78 -4.89 -9.10
CA ASP C 12 28.68 -4.38 -10.14
C ASP C 12 29.20 -2.97 -9.82
N LYS C 13 28.51 -2.23 -8.96
CA LYS C 13 29.01 -0.94 -8.47
C LYS C 13 30.00 -1.11 -7.33
N ASP C 14 29.96 -2.30 -6.71
CA ASP C 14 30.59 -2.52 -5.43
C ASP C 14 31.98 -3.13 -5.52
N NH2 C 15 32.32 -3.71 -6.66
HN1 NH2 C 15 33.24 -4.13 -6.78
HN2 NH2 C 15 31.65 -3.74 -7.44
C ACE D 1 8.60 -16.14 -13.40
O ACE D 1 8.28 -15.48 -12.40
CH3 ACE D 1 7.57 -16.76 -14.35
N GLU D 2 9.86 -16.31 -13.72
CA GLU D 2 10.91 -15.78 -12.82
C GLU D 2 11.00 -14.25 -12.69
N LYS D 3 10.87 -13.51 -13.79
CA LYS D 3 10.84 -12.05 -13.66
C LYS D 3 9.64 -11.62 -12.83
N ASN D 4 8.48 -12.23 -13.04
CA ASN D 4 7.32 -11.90 -12.23
C ASN D 4 7.57 -12.21 -10.77
N ALA D 5 8.28 -13.30 -10.47
CA ALA D 5 8.52 -13.68 -9.07
C ALA D 5 9.43 -12.64 -8.40
N LEU D 6 10.40 -12.14 -9.15
CA LEU D 6 11.30 -11.12 -8.56
C LEU D 6 10.54 -9.82 -8.41
N LEU D 7 9.74 -9.44 -9.41
CA LEU D 7 8.90 -8.24 -9.33
C LEU D 7 7.94 -8.30 -8.14
N ARG D 8 7.31 -9.44 -7.92
CA ARG D 8 6.35 -9.56 -6.80
C ARG D 8 7.07 -9.30 -5.46
N TYR D 9 8.27 -9.84 -5.35
CA TYR D 9 9.06 -9.66 -4.13
C TYR D 9 9.37 -8.19 -3.92
N LEU D 10 9.80 -7.51 -4.98
CA LEU D 10 10.22 -6.11 -4.89
C LEU D 10 9.02 -5.18 -4.67
N LEU D 11 7.88 -5.53 -5.24
CA LEU D 11 6.69 -4.67 -5.18
C LEU D 11 5.87 -4.93 -3.91
N ASP D 12 6.22 -5.97 -3.17
CA ASP D 12 5.47 -6.43 -2.00
C ASP D 12 5.26 -5.38 -0.89
N LYS D 13 6.08 -4.33 -0.85
CA LYS D 13 5.88 -3.26 0.14
C LYS D 13 5.30 -1.99 -0.49
N ASP D 14 4.81 -2.10 -1.72
CA ASP D 14 4.42 -0.94 -2.50
C ASP D 14 2.92 -0.83 -2.67
N NH2 D 15 2.17 -1.49 -1.79
HN1 NH2 D 15 2.61 -2.05 -1.07
HN2 NH2 D 15 1.15 -1.45 -1.85
C ACE E 1 11.22 -4.20 -21.30
O ACE E 1 11.93 -3.57 -20.52
CH3 ACE E 1 11.80 -4.85 -22.53
N GLU E 2 9.91 -4.30 -21.16
CA GLU E 2 9.24 -3.63 -20.01
C GLU E 2 9.56 -4.24 -18.64
N LYS E 3 9.61 -5.55 -18.51
CA LYS E 3 9.95 -6.11 -17.23
C LYS E 3 11.39 -5.73 -16.84
N ASN E 4 12.32 -5.77 -17.78
CA ASN E 4 13.69 -5.36 -17.49
C ASN E 4 13.76 -3.87 -17.12
N ALA E 5 13.02 -3.04 -17.85
CA ALA E 5 13.04 -1.61 -17.56
C ALA E 5 12.50 -1.36 -16.15
N LEU E 6 11.42 -2.01 -15.78
CA LEU E 6 10.89 -1.86 -14.42
C LEU E 6 11.85 -2.42 -13.38
N LEU E 7 12.49 -3.53 -13.70
CA LEU E 7 13.45 -4.11 -12.76
C LEU E 7 14.68 -3.20 -12.57
N ARG E 8 15.15 -2.57 -13.64
CA ARG E 8 16.30 -1.67 -13.54
C ARG E 8 15.97 -0.49 -12.65
N TYR E 9 14.73 -0.01 -12.80
CA TYR E 9 14.30 1.10 -11.97
C TYR E 9 14.26 0.71 -10.51
N LEU E 10 13.66 -0.44 -10.20
CA LEU E 10 13.53 -0.86 -8.81
C LEU E 10 14.87 -1.25 -8.18
N LEU E 11 15.79 -1.76 -8.98
CA LEU E 11 17.06 -2.25 -8.45
C LEU E 11 18.10 -1.15 -8.40
N ASP E 12 17.73 0.01 -8.92
CA ASP E 12 18.58 1.18 -9.05
C ASP E 12 19.40 1.48 -7.80
N LYS E 13 18.77 1.40 -6.63
CA LYS E 13 19.49 1.63 -5.38
C LYS E 13 20.29 0.41 -4.93
N ASP E 14 20.06 -0.72 -5.58
CA ASP E 14 20.60 -1.99 -5.11
C ASP E 14 21.84 -2.44 -5.89
N NH2 E 15 21.92 -2.08 -7.16
HN1 NH2 E 15 22.73 -2.36 -7.72
HN2 NH2 E 15 21.19 -1.53 -7.59
C ACE F 1 -2.10 -0.12 -19.46
O ACE F 1 -2.49 -0.56 -18.38
CH3 ACE F 1 -2.97 0.50 -20.50
N GLU F 2 -0.82 -0.20 -19.79
CA GLU F 2 0.14 -0.82 -18.89
C GLU F 2 0.39 -0.04 -17.61
N LYS F 3 0.39 1.29 -17.66
CA LYS F 3 0.49 2.05 -16.40
C LYS F 3 -0.70 1.78 -15.51
N ASN F 4 -1.91 1.83 -16.07
CA ASN F 4 -3.07 1.49 -15.27
C ASN F 4 -2.99 0.06 -14.73
N ALA F 5 -2.43 -0.87 -15.49
CA ALA F 5 -2.35 -2.25 -15.00
C ALA F 5 -1.42 -2.34 -13.81
N LEU F 6 -0.30 -1.64 -13.85
CA LEU F 6 0.60 -1.67 -12.72
C LEU F 6 -0.01 -0.95 -11.50
N LEU F 7 -0.68 0.15 -11.75
CA LEU F 7 -1.33 0.90 -10.69
C LEU F 7 -2.41 0.06 -10.00
N ARG F 8 -3.19 -0.65 -10.81
CA ARG F 8 -4.26 -1.48 -10.27
CA ARG F 8 -4.25 -1.50 -10.28
C ARG F 8 -3.65 -2.54 -9.33
N TYR F 9 -2.53 -3.12 -9.72
CA TYR F 9 -1.87 -4.12 -8.88
C TYR F 9 -1.39 -3.51 -7.56
N LEU F 10 -0.75 -2.34 -7.64
CA LEU F 10 -0.17 -1.71 -6.47
C LEU F 10 -1.25 -1.19 -5.54
N LEU F 11 -2.35 -0.74 -6.11
CA LEU F 11 -3.41 -0.19 -5.29
C LEU F 11 -4.37 -1.23 -4.74
N ASP F 12 -4.26 -2.49 -5.16
CA ASP F 12 -5.29 -3.48 -4.82
C ASP F 12 -5.34 -3.78 -3.31
N LYS F 13 -4.27 -3.48 -2.58
CA LYS F 13 -4.30 -3.63 -1.12
C LYS F 13 -4.94 -2.39 -0.48
N ASP F 14 -5.07 -1.33 -1.27
CA ASP F 14 -5.51 -0.03 -0.79
C ASP F 14 -6.96 0.25 -1.16
N NH2 F 15 -7.41 -0.33 -2.26
HN1 NH2 F 15 -6.81 -0.94 -2.81
HN2 NH2 F 15 -8.38 -0.18 -2.56
C ACE G 1 2.31 12.41 -14.92
O ACE G 1 3.03 12.00 -14.01
CH3 ACE G 1 2.82 12.80 -16.27
N GLU G 2 0.99 12.48 -14.75
CA GLU G 2 0.39 12.13 -13.46
C GLU G 2 0.46 10.65 -13.08
N LYS G 3 0.22 9.74 -14.02
CA LYS G 3 0.42 8.34 -13.69
C LYS G 3 1.85 8.05 -13.25
N ASN G 4 2.84 8.61 -13.96
CA ASN G 4 4.25 8.44 -13.54
C ASN G 4 4.51 9.03 -12.16
N ALA G 5 3.89 10.17 -11.86
CA ALA G 5 4.04 10.82 -10.55
C ALA G 5 3.49 9.92 -9.46
N LEU G 6 2.33 9.30 -9.69
CA LEU G 6 1.76 8.40 -8.69
C LEU G 6 2.62 7.14 -8.55
N LEU G 7 3.08 6.60 -9.68
CA LEU G 7 3.94 5.41 -9.65
C LEU G 7 5.22 5.70 -8.89
N ARG G 8 5.81 6.85 -9.12
CA ARG G 8 7.07 7.17 -8.44
C ARG G 8 6.88 7.14 -6.92
N TYR G 9 5.75 7.69 -6.47
CA TYR G 9 5.46 7.74 -5.05
C TYR G 9 5.29 6.33 -4.50
N LEU G 10 4.46 5.53 -5.18
CA LEU G 10 4.16 4.18 -4.72
C LEU G 10 5.39 3.27 -4.77
N LEU G 11 6.28 3.49 -5.73
CA LEU G 11 7.43 2.64 -5.88
C LEU G 11 8.66 3.07 -5.05
N ASP G 12 8.57 4.23 -4.41
CA ASP G 12 9.75 4.86 -3.79
C ASP G 12 10.49 3.98 -2.78
N LYS G 13 9.78 3.10 -2.08
CA LYS G 13 10.41 2.20 -1.11
C LYS G 13 10.62 0.80 -1.69
N ASP G 14 10.72 0.73 -3.01
CA ASP G 14 10.83 -0.54 -3.71
C ASP G 14 12.09 -0.62 -4.56
N NH2 G 15 12.64 0.52 -4.97
HN1 NH2 G 15 12.22 1.41 -4.70
HN2 NH2 G 15 13.47 0.51 -5.54
C ACE H 1 -10.26 15.36 -9.31
O ACE H 1 -10.76 14.26 -9.11
CH3 ACE H 1 -11.03 16.67 -9.26
N GLU H 2 -8.96 15.44 -9.59
CA GLU H 2 -8.19 14.19 -9.66
C GLU H 2 -7.98 13.50 -8.30
N LYS H 3 -7.79 14.28 -7.25
CA LYS H 3 -7.66 13.69 -5.93
C LYS H 3 -8.96 13.01 -5.49
N ASN H 4 -10.09 13.62 -5.81
CA ASN H 4 -11.37 13.00 -5.49
C ASN H 4 -11.58 11.71 -6.27
N ALA H 5 -11.15 11.70 -7.53
CA ALA H 5 -11.27 10.50 -8.35
C ALA H 5 -10.43 9.35 -7.80
N LEU H 6 -9.21 9.63 -7.36
CA LEU H 6 -8.37 8.59 -6.76
C LEU H 6 -8.99 8.13 -5.43
N LEU H 7 -9.48 9.08 -4.64
CA LEU H 7 -10.10 8.76 -3.36
C LEU H 7 -11.32 7.86 -3.54
N ARG H 8 -12.09 8.16 -4.57
CA ARG H 8 -13.30 7.43 -4.89
C ARG H 8 -12.97 5.98 -5.19
N TYR H 9 -11.92 5.81 -5.97
CA TYR H 9 -11.46 4.48 -6.34
C TYR H 9 -11.03 3.74 -5.10
N LEU H 10 -10.25 4.39 -4.24
CA LEU H 10 -9.70 3.70 -3.10
C LEU H 10 -10.76 3.41 -2.04
N LEU H 11 -11.77 4.27 -1.94
CA LEU H 11 -12.81 4.11 -0.92
C LEU H 11 -13.96 3.20 -1.40
N ASP H 12 -13.95 2.87 -2.68
CA ASP H 12 -15.00 2.01 -3.29
C ASP H 12 -15.44 0.78 -2.48
N LYS H 13 -14.51 0.10 -1.82
CA LYS H 13 -14.85 -1.13 -1.06
C LYS H 13 -15.28 -0.85 0.38
N ASP H 14 -15.11 0.38 0.83
CA ASP H 14 -15.37 0.76 2.22
C ASP H 14 -16.78 1.29 2.44
N NH2 H 15 -17.64 1.18 1.43
HN1 NH2 H 15 -17.35 0.75 0.57
HN2 NH2 H 15 -18.58 1.53 1.53
C ACE I 1 -4.61 18.16 3.06
O ACE I 1 -3.96 17.13 3.18
CH3 ACE I 1 -4.05 19.43 2.48
N GLU I 2 -5.87 18.19 3.42
CA GLU I 2 -6.50 17.01 4.01
CA GLU I 2 -6.53 17.02 4.00
C GLU I 2 -6.70 15.87 3.01
N LYS I 3 -6.96 16.18 1.75
CA LYS I 3 -7.06 15.14 0.74
C LYS I 3 -5.73 14.40 0.64
N ASN I 4 -4.62 15.14 0.64
CA ASN I 4 -3.29 14.49 0.60
C ASN I 4 -3.07 13.67 1.86
N ALA I 5 -3.55 14.16 3.01
CA ALA I 5 -3.41 13.43 4.26
C ALA I 5 -4.17 12.08 4.23
N LEU I 6 -5.39 12.12 3.69
CA LEU I 6 -6.19 10.88 3.62
C LEU I 6 -5.54 9.93 2.64
N LEU I 7 -5.12 10.46 1.51
CA LEU I 7 -4.44 9.65 0.50
C LEU I 7 -3.19 9.02 1.03
N ARG I 8 -2.40 9.81 1.76
CA ARG I 8 -1.17 9.29 2.31
C ARG I 8 -1.47 8.09 3.20
N TYR I 9 -2.56 8.15 3.95
CA TYR I 9 -2.94 7.07 4.83
C TYR I 9 -3.37 5.84 4.06
N LEU I 10 -4.19 6.06 3.04
CA LEU I 10 -4.71 4.93 2.30
C LEU I 10 -3.62 4.28 1.44
N LEU I 11 -2.64 5.06 0.96
CA LEU I 11 -1.62 4.52 0.07
C LEU I 11 -0.48 3.87 0.83
N ASP I 12 -0.53 3.96 2.17
CA ASP I 12 0.61 3.64 3.02
C ASP I 12 1.11 2.20 2.86
N LYS I 13 0.20 1.25 2.70
CA LYS I 13 0.59 -0.14 2.51
C LYS I 13 0.76 -0.46 1.02
N ASP I 14 0.96 0.58 0.21
CA ASP I 14 1.13 0.43 -1.23
C ASP I 14 2.47 0.99 -1.70
N NH2 I 15 3.24 1.55 -0.78
HN1 NH2 I 15 2.94 1.59 0.19
HN2 NH2 I 15 4.15 1.94 -1.04
C ACE J 1 -16.54 17.24 9.96
O ACE J 1 -17.30 16.55 9.29
CH3 ACE J 1 -17.00 18.10 11.11
N GLU J 2 -15.26 17.27 9.71
CA GLU J 2 -14.73 16.47 8.60
CA GLU J 2 -14.70 16.48 8.61
C GLU J 2 -14.86 14.98 8.85
N LYS J 3 -14.60 14.51 10.05
CA LYS J 3 -14.75 13.07 10.27
C LYS J 3 -16.19 12.61 10.02
N ASN J 4 -17.16 13.37 10.51
CA ASN J 4 -18.57 13.07 10.30
C ASN J 4 -18.87 13.04 8.81
N ALA J 5 -18.27 13.96 8.06
CA ALA J 5 -18.49 14.02 6.63
C ALA J 5 -17.93 12.75 5.96
N LEU J 6 -16.72 12.34 6.34
CA LEU J 6 -16.15 11.13 5.75
C LEU J 6 -16.97 9.92 6.18
N LEU J 7 -17.45 9.93 7.41
CA LEU J 7 -18.22 8.77 7.89
C LEU J 7 -19.57 8.63 7.18
N ARG J 8 -20.20 9.77 6.94
CA ARG J 8 -21.46 9.83 6.27
C ARG J 8 -21.32 9.25 4.84
N TYR J 9 -20.22 9.57 4.16
CA TYR J 9 -19.93 9.00 2.84
C TYR J 9 -19.75 7.51 2.93
N LEU J 10 -18.95 7.08 3.89
CA LEU J 10 -18.62 5.66 3.98
C LEU J 10 -19.82 4.86 4.44
N LEU J 11 -20.67 5.42 5.31
CA LEU J 11 -21.81 4.67 5.80
C LEU J 11 -23.04 4.76 4.88
N ASP J 12 -22.95 5.55 3.81
CA ASP J 12 -24.08 5.83 2.91
C ASP J 12 -24.85 4.57 2.46
N LYS J 13 -24.16 3.53 2.00
CA LYS J 13 -24.85 2.34 1.53
C LYS J 13 -25.43 1.54 2.71
N ASP J 14 -24.89 1.77 3.90
CA ASP J 14 -25.29 1.01 5.09
C ASP J 14 -26.48 1.65 5.82
N NH2 J 15 -26.77 2.91 5.50
HN1 NH2 J 15 -26.22 3.40 4.81
HN2 NH2 J 15 -27.55 3.37 5.96
C ACE K 1 -12.06 7.71 19.09
O ACE K 1 -11.57 6.82 18.39
CH3 ACE K 1 -11.25 8.82 19.71
N GLU K 2 -13.36 7.75 19.35
CA GLU K 2 -14.27 6.74 18.82
CA GLU K 2 -14.26 6.74 18.83
C GLU K 2 -14.50 6.89 17.32
N LYS K 3 -14.45 8.12 16.83
CA LYS K 3 -14.62 8.34 15.40
C LYS K 3 -13.43 7.75 14.65
N ASN K 4 -12.21 8.04 15.11
CA ASN K 4 -11.05 7.42 14.47
C ASN K 4 -11.10 5.90 14.47
N ALA K 5 -11.56 5.31 15.57
CA ALA K 5 -11.67 3.86 15.66
C ALA K 5 -12.62 3.32 14.59
N LEU K 6 -13.78 3.95 14.46
CA LEU K 6 -14.75 3.53 13.45
C LEU K 6 -14.18 3.72 12.06
N LEU K 7 -13.49 4.84 11.83
CA LEU K 7 -12.90 5.08 10.51
C LEU K 7 -11.85 4.04 10.16
N ARG K 8 -11.09 3.67 11.18
CA ARG K 8 -10.01 2.71 11.03
CA ARG K 8 -10.01 2.71 11.03
C ARG K 8 -10.58 1.37 10.57
N TYR K 9 -11.70 0.99 11.19
CA TYR K 9 -12.37 -0.23 10.82
C TYR K 9 -12.87 -0.13 9.40
N LEU K 10 -13.57 0.95 9.08
CA LEU K 10 -14.18 1.07 7.74
C LEU K 10 -13.15 1.19 6.62
N LEU K 11 -12.01 1.82 6.89
CA LEU K 11 -10.98 2.02 5.87
C LEU K 11 -10.05 0.82 5.74
N ASP K 12 -10.13 -0.10 6.69
CA ASP K 12 -9.41 -1.35 6.60
C ASP K 12 -9.99 -2.15 5.43
N LYS K 13 -9.16 -2.32 4.41
CA LYS K 13 -9.48 -2.89 3.08
C LYS K 13 -8.90 -1.93 2.05
N ASP K 14 -9.15 -0.64 2.27
CA ASP K 14 -8.75 0.41 1.35
C ASP K 14 -7.30 0.82 1.50
N NH2 K 15 -6.60 0.24 2.47
HN1 NH2 K 15 -7.05 -0.44 3.08
HN2 NH2 K 15 -5.62 0.48 2.63
C ACE L 1 -24.68 4.15 23.01
O ACE L 1 -25.47 4.46 22.12
CH3 ACE L 1 -25.12 3.83 24.42
N GLU L 2 -23.37 4.05 22.79
CA GLU L 2 -22.78 4.33 21.50
CA GLU L 2 -22.79 4.34 21.49
C GLU L 2 -23.19 3.33 20.43
N LYS L 3 -23.19 2.04 20.79
CA LYS L 3 -23.57 1.02 19.81
C LYS L 3 -25.00 1.21 19.40
N ASN L 4 -25.86 1.50 20.36
CA ASN L 4 -27.27 1.77 20.05
C ASN L 4 -27.40 3.02 19.21
N ALA L 5 -26.62 4.05 19.51
CA ALA L 5 -26.69 5.30 18.74
C ALA L 5 -26.27 5.04 17.27
N LEU L 6 -25.23 4.24 17.08
CA LEU L 6 -24.78 3.95 15.72
C LEU L 6 -25.82 3.09 14.98
N LEU L 7 -26.41 2.14 15.69
CA LEU L 7 -27.44 1.28 15.11
C LEU L 7 -28.66 2.09 14.71
N ARG L 8 -29.06 3.01 15.57
CA ARG L 8 -30.22 3.84 15.29
C ARG L 8 -30.00 4.61 13.97
N TYR L 9 -28.80 5.15 13.78
CA TYR L 9 -28.45 5.80 12.53
C TYR L 9 -28.52 4.90 11.31
N LEU L 10 -27.87 3.75 11.40
CA LEU L 10 -27.84 2.81 10.28
C LEU L 10 -29.20 2.24 9.95
N LEU L 11 -30.03 2.08 10.97
CA LEU L 11 -31.32 1.44 10.76
C LEU L 11 -32.36 2.43 10.26
N ASP L 12 -31.98 3.70 10.18
CA ASP L 12 -32.92 4.81 9.94
C ASP L 12 -33.71 4.66 8.64
N LYS L 13 -33.09 4.09 7.61
CA LYS L 13 -33.78 3.87 6.35
C LYS L 13 -34.60 2.58 6.38
N ASP L 14 -34.31 1.72 7.36
CA ASP L 14 -34.94 0.42 7.45
C ASP L 14 -36.15 0.42 8.38
N NH2 L 15 -36.19 1.37 9.30
HN1 NH2 L 15 -35.43 2.04 9.37
HN2 NH2 L 15 -36.97 1.42 9.95
C ACE M 1 -22.71 -9.40 20.31
O ACE M 1 -22.30 -9.43 19.15
CH3 ACE M 1 -21.78 -9.43 21.47
N GLU M 2 -24.00 -9.32 20.61
CA GLU M 2 -25.05 -9.30 19.59
C GLU M 2 -25.16 -7.95 18.85
N LYS M 3 -24.98 -6.84 19.57
CA LYS M 3 -24.94 -5.54 18.91
C LYS M 3 -23.78 -5.48 17.92
N ASN M 4 -22.63 -6.03 18.31
CA ASN M 4 -21.48 -6.09 17.41
C ASN M 4 -21.76 -6.96 16.18
N ALA M 5 -22.48 -8.05 16.38
CA ALA M 5 -22.80 -8.97 15.30
C ALA M 5 -23.70 -8.28 14.26
N LEU M 6 -24.66 -7.49 14.73
CA LEU M 6 -25.54 -6.74 13.83
C LEU M 6 -24.78 -5.60 13.13
N LEU M 7 -23.95 -4.90 13.89
CA LEU M 7 -23.14 -3.83 13.31
C LEU M 7 -22.21 -4.38 12.24
N ARG M 8 -21.61 -5.52 12.51
CA ARG M 8 -20.70 -6.12 11.55
C ARG M 8 -21.44 -6.43 10.24
N TYR M 9 -22.67 -6.98 10.33
CA TYR M 9 -23.45 -7.21 9.14
C TYR M 9 -23.81 -5.93 8.40
N LEU M 10 -24.26 -4.92 9.13
CA LEU M 10 -24.65 -3.69 8.47
C LEU M 10 -23.46 -2.96 7.87
N LEU M 11 -22.29 -3.02 8.51
CA LEU M 11 -21.13 -2.30 8.02
C LEU M 11 -20.41 -3.08 6.91
N ASP M 12 -20.91 -4.28 6.61
CA ASP M 12 -20.37 -5.16 5.56
C ASP M 12 -19.99 -4.44 4.26
N LYS M 13 -20.91 -3.71 3.65
CA LYS M 13 -20.61 -3.06 2.38
C LYS M 13 -19.58 -1.93 2.53
N ASP M 14 -19.63 -1.24 3.66
CA ASP M 14 -18.79 -0.07 3.91
C ASP M 14 -17.33 -0.44 4.26
N NH2 M 15 -17.05 -1.73 4.40
HN1 NH2 M 15 -16.11 -2.02 4.63
HN2 NH2 M 15 -17.78 -2.42 4.26
S SO4 N . 36.17 -10.56 11.95
O1 SO4 N . 37.46 -10.95 11.38
O2 SO4 N . 35.59 -11.72 12.61
O3 SO4 N . 35.28 -10.12 10.87
O4 SO4 N . 36.31 -9.47 12.91
S SO4 O . 28.59 -7.24 13.48
O1 SO4 O . 28.36 -7.00 12.05
O2 SO4 O . 29.12 -8.59 13.69
O3 SO4 O . 29.57 -6.28 13.99
O4 SO4 O . 27.33 -7.05 14.20
C1 CHD P . 29.46 -14.62 4.31
C2 CHD P . 29.27 -15.26 5.68
C3 CHD P . 28.24 -16.43 5.62
O3 CHD P . 28.08 -16.91 6.92
C4 CHD P . 26.89 -15.91 5.11
C5 CHD P . 27.05 -15.21 3.75
C6 CHD P . 25.64 -14.62 3.27
C7 CHD P . 25.09 -13.43 4.10
O7 CHD P . 24.72 -13.82 5.39
C8 CHD P . 26.19 -12.35 4.15
C9 CHD P . 27.58 -12.94 4.68
C10 CHD P . 28.11 -14.07 3.80
C11 CHD P . 28.61 -11.82 4.81
C12 CHD P . 28.04 -10.53 5.67
O12 CHD P . 27.86 -10.82 7.01
C13 CHD P . 26.75 -9.98 5.12
C14 CHD P . 25.68 -11.14 4.91
C15 CHD P . 24.35 -10.38 4.46
C16 CHD P . 24.36 -9.09 5.36
C17 CHD P . 25.90 -8.96 6.02
C18 CHD P . 27.06 -9.36 3.75
C19 CHD P . 28.42 -13.57 2.38
C20 CHD P . 26.30 -7.61 6.02
C21 CHD P . 27.76 -7.45 6.62
C22 CHD P . 25.29 -6.76 6.91
C23 CHD P . 25.29 -7.22 8.37
O25 CHD P . 24.90 -5.21 9.67
C24 CHD P . 24.40 -6.22 9.11
O26 CHD P . 23.15 -6.41 9.16
H11 CHD P . 30.10 -13.89 4.39
H12A CHD P . 29.80 -15.28 3.70
H21 CHD P . 28.95 -14.59 6.31
H22 CHD P . 30.12 -15.61 6.01
H3 CHD P . 28.56 -17.14 5.04
HO3 CHD P . 28.48 -17.65 7.00
H41 CHD P . 26.54 -15.27 5.75
H42 CHD P . 26.27 -16.64 5.02
H5 CHD P . 27.34 -15.86 3.10
H61 CHD P . 24.99 -15.33 3.30
H62 CHD P . 25.73 -14.33 2.35
H7 CHD P . 24.32 -13.06 3.64
HO7 CHD P . 24.09 -13.32 5.67
H8 CHD P . 26.34 -12.06 3.23
H9 CHD P . 27.42 -13.30 5.57
H111 CHD P . 28.88 -11.54 3.93
H112 CHD P . 29.39 -12.19 5.27
H12 CHD P . 28.71 -9.83 5.61
HO12 CHD P . 28.45 -11.38 7.27
H14 CHD P . 25.48 -11.49 5.80
H151 CHD P . 23.56 -10.91 4.65
H152 CHD P . 24.39 -10.14 3.52
H161 CHD P . 23.70 -9.17 6.07
H162 CHD P . 24.16 -8.31 4.82
H17 CHD P . 25.88 -9.29 6.93
H181 CHD P . 26.32 -8.83 3.46
H182 CHD P . 27.85 -8.81 3.82
H183 CHD P . 27.23 -10.08 3.11
H191 CHD P . 29.21 -12.99 2.40
H192 CHD P . 27.67 -13.07 2.04
H193 CHD P . 28.60 -14.33 1.80
H20 CHD P . 26.30 -7.28 5.12
H211 CHD P . 28.41 -7.59 5.92
H212 CHD P . 27.86 -6.55 6.97
H213 CHD P . 27.89 -8.09 7.34
H221 CHD P . 25.55 -5.82 6.87
H222 CHD P . 24.39 -6.86 6.54
H231 CHD P . 24.92 -8.11 8.44
H232 CHD P . 26.19 -7.21 8.73
S SO4 Q . 15.76 -19.37 2.41
O1 SO4 Q . 15.62 -18.12 1.67
O2 SO4 Q . 16.85 -20.17 1.86
O3 SO4 Q . 14.50 -20.12 2.32
O4 SO4 Q . 16.03 -19.07 3.81
C1 CHD R . 16.82 -17.28 -8.94
C2 CHD R . 16.43 -18.67 -8.48
C3 CHD R . 15.27 -19.15 -9.38
O3 CHD R . 14.95 -20.49 -9.04
C4 CHD R . 14.05 -18.21 -9.25
C5 CHD R . 14.44 -16.76 -9.60
C6 CHD R . 13.20 -15.76 -9.44
C7 CHD R . 12.76 -15.50 -7.95
O7 CHD R . 12.20 -16.65 -7.37
C8 CHD R . 14.00 -15.03 -7.20
C9 CHD R . 15.25 -16.03 -7.32
C10 CHD R . 15.66 -16.28 -8.81
C11 CHD R . 16.42 -15.48 -6.51
C12 CHD R . 16.00 -15.25 -4.93
O12 CHD R . 15.64 -16.50 -4.38
C13 CHD R . 14.86 -14.29 -4.85
C14 CHD R . 13.64 -14.76 -5.75
C15 CHD R . 12.48 -13.71 -5.42
C16 CHD R . 12.65 -13.51 -3.87
C17 CHD R . 14.12 -14.13 -3.44
C18 CHD R . 15.37 -12.93 -5.35
C19 CHD R . 16.19 -14.98 -9.44
C20 CHD R . 14.76 -13.33 -2.48
C21 CHD R . 16.05 -14.01 -1.94
C22 CHD R . 13.82 -13.18 -1.19
C23 CHD R . 13.48 -14.57 -0.62
O25 CHD R . 11.31 -14.30 0.42
C24 CHD R . 12.56 -14.34 0.59
O26 CHD R . 13.05 -14.15 1.73
H11 CHD R . 17.09 -17.32 -9.86
H12A CHD R . 17.56 -16.97 -8.40
H21 CHD R . 17.18 -19.27 -8.57
H22 CHD R . 16.13 -18.64 -7.56
H3 CHD R . 15.58 -19.14 -10.30
HO3 CHD R . 15.45 -21.02 -9.48
H41 CHD R . 13.36 -18.51 -9.86
H42 CHD R . 13.72 -18.24 -8.35
H5 CHD R . 14.69 -16.74 -10.54
H61 CHD R . 13.44 -14.91 -9.85
H62 CHD R . 12.45 -16.14 -9.92
H7 CHD R . 12.09 -14.78 -7.94
HO7 CHD R . 11.55 -16.91 -7.84
H8 CHD R . 14.27 -14.18 -7.59
H9 CHD R . 14.99 -16.88 -6.93
H111 CHD R . 16.71 -14.64 -6.89
H112 CHD R . 17.16 -16.11 -6.55
H12 CHD R . 16.76 -14.88 -4.45
HO12 CHD R . 16.27 -16.77 -3.87
H14 CHD R . 13.34 -15.61 -5.39
H151 CHD R . 12.61 -12.89 -5.90
H152 CHD R . 11.61 -14.10 -5.62
H161 CHD R . 11.93 -13.96 -3.39
H162 CHD R . 12.62 -12.55 -3.66
H17 CHD R . 13.98 -15.02 -3.06
H181 CHD R . 14.70 -12.25 -5.16
H182 CHD R . 15.53 -12.97 -6.31
H183 CHD R . 16.19 -12.71 -4.89
H191 CHD R . 16.20 -15.08 -10.40
H192 CHD R . 15.61 -14.24 -9.20
H193 CHD R . 17.09 -14.80 -9.12
H20 CHD R . 14.97 -12.46 -2.85
H211 CHD R . 16.80 -13.78 -2.51
H212 CHD R . 16.22 -13.70 -1.03
H213 CHD R . 15.94 -14.98 -1.93
H221 CHD R . 14.28 -12.66 -0.52
H222 CHD R . 13.00 -12.73 -1.45
H231 CHD R . 14.28 -15.02 -0.34
H232 CHD R . 13.01 -15.10 -1.29
S SO4 S . 28.23 -19.07 -13.09
O1 SO4 S . 29.17 -19.74 -12.20
O2 SO4 S . 28.12 -19.91 -14.26
O3 SO4 S . 26.91 -19.04 -12.48
O4 SO4 S . 28.61 -17.73 -13.44
C1 CHD T . 27.13 -17.68 -1.35
C2 CHD T . 27.53 -19.05 -1.71
C3 CHD T . 28.49 -19.55 -0.63
O3 CHD T . 28.81 -20.85 -0.95
C4 CHD T . 29.76 -18.68 -0.64
C5 CHD T . 29.42 -17.24 -0.34
C6 CHD T . 30.79 -16.41 -0.39
C7 CHD T . 31.23 -16.00 -1.84
O7 CHD T . 31.81 -17.10 -2.45
C8 CHD T . 30.10 -15.49 -2.76
C9 CHD T . 28.82 -16.45 -2.73
C10 CHD T . 28.32 -16.69 -1.28
C11 CHD T . 27.75 -15.91 -3.63
C12 CHD T . 28.23 -15.61 -5.17
O12 CHD T . 28.59 -16.80 -5.75
C13 CHD T . 29.44 -14.75 -5.17
C14 CHD T . 30.53 -15.30 -4.19
C15 CHD T . 31.79 -14.32 -4.42
C16 CHD T . 31.74 -13.94 -5.96
C17 CHD T . 30.28 -14.57 -6.53
C18 CHD T . 28.97 -13.36 -4.70
C19 CHD T . 27.78 -15.40 -0.71
C20 CHD T . 29.71 -13.75 -7.48
C21 CHD T . 28.42 -14.36 -8.13
C22 CHD T . 30.70 -13.62 -8.73
C23 CHD T . 31.01 -14.97 -9.38
O25 CHD T . 31.39 -14.36 -11.69
C24 CHD T . 31.92 -14.62 -10.58
O26 CHD T . 33.18 -14.57 -10.40
H11 CHD T . 26.50 -17.36 -2.02
H12A CHD T . 26.69 -17.71 -0.49
H21 CHD T . 26.76 -19.63 -1.75
H22 CHD T . 27.99 -19.05 -2.58
H3 CHD T . 28.07 -19.51 0.24
HO3 CHD T . 28.83 -21.31 -0.23
H41 CHD T . 30.18 -18.74 -1.51
H42 CHD T . 30.38 -19.01 0.03
H5 CHD T . 29.07 -17.20 0.57
H61 CHD T . 31.50 -16.94 0.01
H62 CHD T . 30.67 -15.60 0.14
H7 CHD T . 31.91 -15.30 -1.77
HO7 CHD T . 32.66 -17.01 -2.50
H8 CHD T . 29.83 -14.62 -2.42
H9 CHD T . 29.09 -17.31 -3.09
H111 CHD T . 27.43 -15.07 -3.24
H112 CHD T . 27.01 -16.54 -3.65
H12 CHD T . 27.52 -15.19 -5.67
HO12 CHD T . 28.03 -16.98 -6.37
H14 CHD T . 30.79 -16.17 -4.51
H151 CHD T . 31.70 -13.53 -3.87
H152 CHD T . 32.61 -14.79 -4.21
H161 CHD T . 31.75 -12.98 -6.07
H162 CHD T . 32.49 -14.35 -6.43
H17 CHD T . 30.43 -15.45 -6.92
H181 CHD T . 28.68 -13.41 -3.79
H182 CHD T . 28.22 -13.07 -5.26
H183 CHD T . 29.70 -12.73 -4.78
H191 CHD T . 27.69 -15.48 0.25
H192 CHD T . 26.90 -15.22 -1.10
H193 CHD T . 28.38 -14.67 -0.92
H20 CHD T . 29.53 -12.87 -7.11
H211 CHD T . 27.65 -14.10 -7.60
H212 CHD T . 28.50 -15.33 -8.15
H213 CHD T . 28.32 -14.02 -9.04
H221 CHD T . 31.53 -13.22 -8.43
H222 CHD T . 30.29 -13.04 -9.39
H231 CHD T . 31.49 -15.55 -8.76
H232 CHD T . 30.20 -15.39 -9.69
S SO4 U . 3.08 -15.94 -13.07
O1 SO4 U . 3.96 -15.75 -14.21
O2 SO4 U . 3.52 -17.11 -12.34
O3 SO4 U . 1.70 -16.14 -13.54
O4 SO4 U . 3.09 -14.78 -12.20
C1 CHD V . 5.34 -5.71 -18.07
C2 CHD V . 4.72 -6.77 -18.95
C3 CHD V . 3.53 -6.25 -19.76
O3 CHD V . 3.03 -7.28 -20.58
C4 CHD V . 2.44 -5.75 -18.80
C5 CHD V . 3.07 -4.63 -17.97
C6 CHD V . 1.93 -3.97 -17.05
C7 CHD V . 1.51 -4.88 -15.84
O7 CHD V . 0.71 -5.92 -16.30
C8 CHD V . 2.75 -5.38 -15.07
C9 CHD V . 3.83 -6.04 -16.04
C10 CHD V . 4.30 -5.09 -17.14
C11 CHD V . 4.94 -6.61 -15.20
C12 CHD V . 4.46 -7.71 -14.10
O12 CHD V . 3.91 -8.83 -14.74
C13 CHD V . 3.43 -7.10 -13.18
C14 CHD V . 2.33 -6.39 -14.01
C15 CHD V . 1.23 -5.96 -12.94
C16 CHD V . 1.25 -7.11 -11.84
C17 CHD V . 2.56 -8.07 -12.23
C18 CHD V . 4.12 -6.03 -12.30
C19 CHD V . 5.02 -3.89 -16.50
C20 CHD V . 3.22 -8.48 -11.08
C21 CHD V . 4.45 -9.40 -11.41
C22 CHD V . 2.23 -9.35 -10.16
C23 CHD V . 1.60 -10.47 -10.96
O25 CHD V . -0.60 -11.03 -10.10
C24 CHD V . 0.64 -11.30 -10.08
O26 CHD V . 1.08 -12.24 -9.36
H11 CHD V . 6.04 -6.11 -17.53
H12A CHD V . 5.72 -5.02 -18.62
H21 CHD V . 5.40 -7.09 -19.56
H22 CHD V . 4.42 -7.50 -18.40
H3 CHD V . 3.82 -5.52 -20.33
HO3 CHD V . 3.42 -7.27 -21.33
H41 CHD V . 2.16 -6.46 -18.22
H42 CHD V . 1.68 -5.40 -19.30
H5 CHD V . 3.38 -3.95 -18.59
H61 CHD V . 2.25 -3.12 -16.70
H62 CHD V . 1.14 -3.80 -17.60
H7 CHD V . 0.98 -4.34 -15.22
HO7 CHD V . -0.06 -5.62 -16.49
H8 CHD V . 3.16 -4.62 -14.62
H9 CHD V . 3.40 -6.79 -16.48
H111 CHD V . 5.59 -7.02 -15.78
H112 CHD V . 5.37 -5.88 -14.73
H12 CHD V . 5.22 -8.00 -13.58
HO12 CHD V . 4.53 -9.36 -14.96
H14 CHD V . 1.91 -7.10 -14.52
H151 CHD V . 1.45 -5.12 -12.54
H152 CHD V . 0.36 -5.93 -13.36
H161 CHD V . 0.43 -7.62 -11.87
H162 CHD V . 1.37 -6.72 -10.96
H17 CHD V . 2.25 -8.84 -12.73
H181 CHD V . 4.33 -5.25 -12.84
H182 CHD V . 4.94 -6.41 -11.93
H183 CHD V . 3.52 -5.78 -11.58
H191 CHD V . 5.77 -4.21 -15.98
H192 CHD V . 5.35 -3.30 -17.21
H193 CHD V . 4.41 -3.41 -15.93
H20 CHD V . 3.52 -7.71 -10.59
H211 CHD V . 5.24 -8.86 -11.51
H212 CHD V . 4.28 -9.90 -12.23
H213 CHD V . 4.59 -10.03 -10.68
H221 CHD V . 2.72 -9.72 -9.42
H222 CHD V . 1.53 -8.77 -9.82
H231 CHD V . 1.12 -10.11 -11.71
H232 CHD V . 2.30 -11.05 -11.29
S SO4 W . 9.20 -13.31 -19.09
S SO4 W . 8.67 -13.23 -19.07
O1 SO4 W . 8.66 -14.34 -19.97
O1 SO4 W . 9.12 -12.28 -20.06
O2 SO4 W . 10.63 -13.14 -19.39
O2 SO4 W . 7.21 -13.21 -18.99
O3 SO4 W . 8.47 -12.07 -19.24
O3 SO4 W . 9.06 -14.55 -19.56
O4 SO4 W . 9.11 -13.76 -17.70
O4 SO4 W . 9.22 -12.95 -17.75
S SO4 X . 8.48 -7.60 -21.71
S SO4 X . 8.52 -7.52 -21.69
O1 SO4 X . 9.61 -7.80 -20.81
O1 SO4 X . 8.38 -7.25 -20.28
O2 SO4 X . 8.63 -8.44 -22.87
O2 SO4 X . 9.83 -8.11 -21.91
O3 SO4 X . 8.38 -6.21 -22.18
O3 SO4 X . 8.36 -6.23 -22.37
O4 SO4 X . 7.25 -7.97 -21.01
O4 SO4 X . 7.50 -8.49 -22.11
S SO4 Y . 16.69 -5.11 -22.70
O1 SO4 Y . 17.53 -6.27 -22.87
O2 SO4 Y . 16.67 -4.41 -23.97
O3 SO4 Y . 17.16 -4.31 -21.58
O4 SO4 Y . 15.32 -5.49 -22.39
C1 CHD Z . 14.87 -13.25 -14.10
C2 CHD Z . 14.92 -13.84 -15.51
C3 CHD Z . 15.85 -15.07 -15.55
O3 CHD Z . 15.91 -15.54 -16.86
C4 CHD Z . 17.27 -14.71 -15.15
C5 CHD Z . 17.24 -14.11 -13.77
C6 CHD Z . 18.73 -13.76 -13.31
C7 CHD Z . 19.32 -12.45 -13.94
O7 CHD Z . 19.56 -12.81 -15.23
C8 CHD Z . 18.29 -11.31 -13.85
C9 CHD Z . 16.85 -11.71 -14.41
C10 CHD Z . 16.29 -12.91 -13.61
C11 CHD Z . 15.94 -10.49 -14.36
C12 CHD Z . 16.53 -9.20 -15.19
O12 CHD Z . 16.69 -9.54 -16.53
C13 CHD Z . 17.87 -8.86 -14.64
C14 CHD Z . 18.81 -10.12 -14.60
C15 CHD Z . 20.26 -9.57 -14.20
C16 CHD Z . 20.31 -8.16 -14.90
C17 CHD Z . 18.78 -7.82 -15.48
C18 CHD Z . 17.70 -8.33 -13.20
C19 CHD Z . 16.16 -12.55 -12.13
C20 CHD Z . 18.47 -6.47 -15.30
C21 CHD Z . 17.04 -6.10 -15.86
C22 CHD Z . 19.55 -5.59 -16.08
C23 CHD Z . 19.60 -5.82 -17.60
O25 CHD Z . 20.08 -3.83 -18.95
C24 CHD Z . 20.46 -4.63 -18.07
O26 CHD Z . 21.57 -4.43 -17.52
H11 CHD Z . 14.48 -13.90 -13.51
H12A CHD Z . 14.34 -12.44 -14.11
H21 CHD Z . 14.04 -14.09 -15.78
H22 CHD Z . 15.27 -13.16 -16.13
H3 CHD Z . 15.50 -15.76 -14.96
HO3 CHD Z . 15.40 -16.23 -16.93
H41 CHD Z . 17.63 -14.06 -15.78
H42 CHD Z . 17.82 -15.51 -15.15
H5 CHD Z . 16.92 -14.80 -13.16
H61 CHD Z . 18.75 -13.66 -12.33
H62 CHD Z . 19.31 -14.51 -13.54
H7 CHD Z . 20.15 -12.20 -13.50
HO7 CHD Z . 20.39 -12.77 -15.39
H8 CHD Z . 18.19 -11.07 -12.91
H9 CHD Z . 16.94 -11.98 -15.34
H111 CHD Z . 15.83 -10.23 -13.43
H112 CHD Z . 15.08 -10.73 -14.73
H12 CHD Z . 15.92 -8.46 -15.11
HO12 CHD Z . 15.94 -9.77 -16.85
H14 CHD Z . 18.90 -10.42 -15.51
H151 CHD Z . 20.34 -9.48 -13.23
H152 CHD Z . 20.95 -10.15 -14.54
H161 CHD Z . 20.57 -7.48 -14.25
H162 CHD Z . 20.95 -8.17 -15.63
H17 CHD Z . 18.73 -8.05 -16.41
H181 CHD Z . 17.45 -9.07 -12.60
H182 CHD Z . 17.01 -7.66 -13.17
H183 CHD Z . 18.53 -7.94 -12.89
H191 CHD Z . 15.61 -11.76 -12.03
H192 CHD Z . 17.04 -12.39 -11.76
H193 CHD Z . 15.75 -13.29 -11.65
H20 CHD Z . 18.50 -6.26 -14.36
H211 CHD Z . 16.82 -6.71 -16.59
H212 CHD Z . 16.38 -6.18 -15.16
H213 CHD Z . 17.05 -5.19 -16.20
H221 CHD Z . 20.42 -5.79 -15.71
H222 CHD Z . 19.34 -4.66 -15.92
H231 CHD Z . 20.03 -6.66 -17.80
H232 CHD Z . 18.71 -5.78 -17.99
S SO4 AA . 0.12 3.39 -20.90
O1 SO4 AA . 0.18 2.20 -21.76
O2 SO4 AA . 1.44 3.99 -20.78
O3 SO4 AA . -0.78 4.36 -21.50
O4 SO4 AA . -0.41 3.03 -19.59
S SO4 BA . -7.38 0.70 -19.19
O1 SO4 BA . -7.39 -0.49 -20.04
O2 SO4 BA . -6.35 1.61 -19.67
O3 SO4 BA . -8.68 1.35 -19.24
O4 SO4 BA . -7.12 0.32 -17.80
C1 CHD CA . -3.58 9.75 -13.08
C2 CHD CA . -4.19 10.07 -14.43
C3 CHD CA . -5.21 11.25 -14.32
O3 CHD CA . -5.85 11.40 -15.55
C4 CHD CA . -6.26 10.96 -13.24
C5 CHD CA . -5.62 10.63 -11.90
C6 CHD CA . -6.76 10.36 -10.82
C7 CHD CA . -7.56 9.00 -11.05
O7 CHD CA . -8.36 9.14 -12.17
C8 CHD CA . -6.59 7.83 -11.21
C9 CHD CA . -5.47 8.13 -12.33
C10 CHD CA . -4.65 9.42 -12.02
C11 CHD CA . -4.58 6.90 -12.48
C12 CHD CA . -5.41 5.50 -12.75
O12 CHD CA . -6.01 5.45 -13.96
C13 CHD CA . -6.44 5.26 -11.70
C14 CHD CA . -7.35 6.52 -11.46
C15 CHD CA . -8.42 5.99 -10.41
C16 CHD CA . -8.72 4.51 -10.85
C17 CHD CA . -7.51 4.07 -11.91
C18 CHD CA . -5.66 4.99 -10.42
C19 CHD CA . -3.89 9.28 -10.71
C20 CHD CA . -7.01 2.82 -11.65
C21 CHD CA . -5.85 2.41 -12.65
C22 CHD CA . -8.18 1.74 -11.75
C23 CHD CA . -8.77 1.60 -13.16
O25 CHD CA . -10.61 0.28 -14.00
C24 CHD CA . -9.66 0.35 -13.18
O26 CHD CA . -9.46 -0.62 -12.38
H11 CHD CA . -2.99 8.99 -13.17
H12A CHD CA . -3.07 10.52 -12.78
H21 CHD CA . -3.48 10.31 -15.05
H22 CHD CA . -4.66 9.28 -14.76
H3 CHD CA . -4.74 12.06 -14.11
HO3 CHD CA . -5.47 12.01 -16.00
H41 CHD CA . -6.81 10.22 -13.52
H42 CHD CA . -6.82 11.75 -13.14
H5 CHD CA . -5.10 11.40 -11.61
H61 CHD CA . -6.36 10.33 -9.95
H62 CHD CA . -7.40 11.09 -10.85
H7 CHD CA . -8.12 8.84 -10.27
HO7 CHD CA . -9.17 9.19 -11.93
H8 CHD CA . -6.13 7.73 -10.37
H9 CHD CA . -5.91 8.28 -13.18
H111 CHD CA . -3.98 7.05 -13.24
H112 CHD CA . -4.05 6.81 -11.67
H12 CHD CA . -4.78 4.78 -12.70
HO12 CHD CA . -5.43 5.55 -14.57
H14 CHD CA . -7.84 6.66 -12.28
H151 CHD CA . -9.22 6.54 -10.45
H152 CHD CA . -8.05 6.00 -9.51
H161 CHD CA . -8.73 3.92 -10.08
H162 CHD CA . -9.59 4.47 -11.31
H17 CHD CA . -7.84 4.10 -12.82
H181 CHD CA . -4.99 4.31 -10.58
H182 CHD CA . -6.27 4.68 -9.72
H183 CHD CA . -5.22 5.80 -10.12
H191 CHD CA . -4.52 9.07 -10.00
H192 CHD CA . -3.44 10.12 -10.51
H193 CHD CA . -3.24 8.57 -10.79
H20 CHD CA . -6.66 2.81 -10.74
H211 CHD CA . -5.92 1.47 -12.86
H212 CHD CA . -5.00 2.60 -12.25
H213 CHD CA . -5.94 2.93 -13.47
H221 CHD CA . -8.89 1.99 -11.14
H222 CHD CA . -7.83 0.87 -11.48
H231 CHD CA . -8.05 1.51 -13.81
H232 CHD CA . -9.29 2.39 -13.38
S SO4 DA . -0.82 10.68 -17.80
O1 SO4 DA . -0.31 10.48 -19.15
O2 SO4 DA . 0.09 10.02 -16.85
O3 SO4 DA . -2.14 10.08 -17.73
O4 SO4 DA . -0.86 12.10 -17.44
S SO4 EA . 7.61 12.13 -16.48
O1 SO4 EA . 7.77 10.90 -15.68
O2 SO4 EA . 8.89 12.47 -17.09
O3 SO4 EA . 6.62 11.93 -17.52
O4 SO4 EA . 7.18 13.21 -15.61
C1 CHD FA . 4.37 1.08 -17.90
C2 CHD FA . 4.48 1.86 -19.21
C3 CHD FA . 5.24 1.00 -20.24
O3 CHD FA . 5.27 1.72 -21.44
C4 CHD FA . 6.66 0.68 -19.73
C5 CHD FA . 6.58 -0.09 -18.41
C6 CHD FA . 8.04 -0.46 -17.88
C7 CHD FA . 8.85 0.76 -17.31
O7 CHD FA . 9.22 1.58 -18.35
C8 CHD FA . 8.00 1.51 -16.32
C9 CHD FA . 6.54 1.91 -16.87
C10 CHD FA . 5.73 0.67 -17.34
C11 CHD FA . 5.76 2.73 -15.84
C12 CHD FA . 6.58 4.06 -15.34
O12 CHD FA . 6.73 4.91 -16.40
C13 CHD FA . 7.94 3.67 -14.80
C14 CHD FA . 8.75 2.76 -15.81
C15 CHD FA . 10.21 2.62 -15.22
C16 CHD FA . 10.46 3.89 -14.30
C17 CHD FA . 9.04 4.78 -14.43
C18 CHD FA . 7.72 2.91 -13.50
C19 CHD FA . 5.45 -0.26 -16.17
C20 CHD FA . 8.83 5.53 -13.24
C21 CHD FA . 7.50 6.37 -13.26
C22 CHD FA . 10.03 6.58 -13.05
C23 CHD FA . 10.14 7.49 -14.29
O25 CHD FA . 12.24 8.60 -14.70
C24 CHD FA . 11.20 8.56 -13.99
O26 CHD FA . 11.04 9.39 -13.06
H11 CHD FA . 3.91 1.62 -17.25
H12A CHD FA . 3.85 0.27 -18.06
H21 CHD FA . 4.96 2.69 -19.05
H22 CHD FA . 3.59 2.05 -19.55
H3 CHD FA . 4.77 0.18 -20.38
HO3 CHD FA . 4.57 1.54 -21.88
H41 CHD FA . 7.14 1.51 -19.58
H42 CHD FA . 7.13 0.15 -20.39
H5 CHD FA . 6.11 -0.92 -18.60
H61 CHD FA . 7.94 -1.12 -17.17
H62 CHD FA . 8.53 -0.85 -18.61
H7 CHD FA . 9.66 0.43 -16.87
HO7 CHD FA . 10.03 1.43 -18.56
H8 CHD FA . 7.86 0.93 -15.54
H9 CHD FA . 6.67 2.48 -17.64
H111 CHD FA . 5.57 2.16 -15.08
H112 CHD FA . 4.91 3.00 -16.24
H12 CHD FA . 6.08 4.50 -14.63
HO12 CHD FA . 5.96 5.22 -16.62
H14 CHD FA . 8.86 3.30 -16.61
H151 CHD FA . 10.29 1.82 -14.68
H152 CHD FA . 10.87 2.60 -15.93
H161 CHD FA . 10.61 3.62 -13.38
H162 CHD FA . 11.22 4.41 -14.64
H17 CHD FA . 9.12 5.41 -15.17
H181 CHD FA . 7.32 2.04 -13.70
H182 CHD FA . 8.57 2.77 -13.06
H183 CHD FA . 7.13 3.42 -12.93
H191 CHD FA . 5.01 -1.07 -16.49
H192 CHD FA . 4.87 0.18 -15.52
H193 CHD FA . 6.29 -0.51 -15.74
H20 CHD FA . 8.81 4.92 -12.49
H211 CHD FA . 7.60 7.12 -12.65
H212 CHD FA . 6.77 5.82 -12.98
H213 CHD FA . 7.35 6.70 -14.15
H221 CHD FA . 10.86 6.10 -12.92
H222 CHD FA . 9.85 7.12 -12.26
H231 CHD FA . 10.41 6.96 -15.06
H232 CHD FA . 9.29 7.90 -14.46
S SO4 GA . -7.59 18.19 -7.75
O1 SO4 GA . -7.29 18.08 -9.18
O2 SO4 GA . -6.37 18.45 -6.99
O3 SO4 GA . -8.52 19.30 -7.56
O4 SO4 GA . -8.23 16.98 -7.28
S SO4 HA . -15.48 16.61 -8.15
O1 SO4 HA . -14.95 16.34 -9.49
O2 SO4 HA . -15.61 15.36 -7.42
O3 SO4 HA . -16.79 17.24 -8.27
O4 SO4 HA . -14.56 17.51 -7.45
C1 CHD IA . -10.78 15.72 2.70
C2 CHD IA . -10.99 17.11 2.11
C3 CHD IA . -11.85 18.00 3.04
O3 CHD IA . -12.22 19.17 2.37
C4 CHD IA . -13.14 17.27 3.52
C5 CHD IA . -12.88 15.89 4.09
C6 CHD IA . -14.30 15.24 4.51
C7 CHD IA . -15.18 14.74 3.30
O7 CHD IA . -15.75 15.83 2.66
C8 CHD IA . -14.35 13.92 2.30
C9 CHD IA . -12.99 14.70 1.85
C10 CHD IA . -12.09 15.01 3.09
C11 CHD IA . -12.24 13.96 0.76
C12 CHD IA . -13.20 13.54 -0.54
O12 CHD IA . -13.55 14.62 -1.28
C13 CHD IA . -14.43 12.82 -0.08
C14 CHD IA . -15.21 13.50 1.10
C15 CHD IA . -16.47 12.56 1.30
C16 CHD IA . -16.96 12.28 -0.17
C17 CHD IA . -15.64 12.59 -1.15
C18 CHD IA . -13.91 11.46 0.42
C19 CHD IA . -11.68 13.73 3.81
C20 CHD IA . -15.45 11.54 -2.04
C21 CHD IA . -14.24 11.86 -3.00
C22 CHD IA . -16.77 11.34 -2.94
C23 CHD IA . -17.18 12.61 -3.69
O25 CHD IA . -19.52 12.76 -4.33
C24 CHD IA . -18.39 12.27 -4.58
O26 CHD IA . -18.25 11.48 -5.56
H11 CHD IA . -10.23 15.80 3.49
H12A CHD IA . -10.32 15.17 2.05
H21 CHD IA . -10.13 17.53 1.98
H22 CHD IA . -11.44 17.03 1.25
H3 CHD IA . -11.33 18.23 3.83
HO3 CHD IA . -11.92 19.85 2.80
H41 CHD IA . -13.74 17.18 2.75
H42 CHD IA . -13.57 17.82 4.19
H5 CHD IA . -12.35 15.99 4.90
H61 CHD IA . -14.81 15.91 5.00
H62 CHD IA . -14.13 14.49 5.10
H7 CHD IA . -15.89 14.18 3.64
HO7 CHD IA . -16.59 15.84 2.80
H8 CHD IA . -14.08 13.11 2.75
H9 CHD IA . -13.26 15.55 1.48
H111 CHD IA . -11.53 14.52 0.44
H112 CHD IA . -11.86 13.16 1.13
H12 CHD IA . -12.68 12.95 -1.11
HO12 CHD IA . -12.85 14.97 -1.62
H14 CHD IA . -15.56 14.33 0.74
H151 CHD IA . -16.22 11.74 1.74
H152 CHD IA . -17.16 13.03 1.81
H161 CHD IA . -17.69 12.89 -0.39
H162 CHD IA . -17.25 11.36 -0.25
H17 CHD IA . -15.80 13.40 -1.65
H181 CHD IA . -13.29 11.09 -0.23
H182 CHD IA . -13.44 11.59 1.26
H183 CHD IA . -14.65 10.86 0.54
H191 CHD IA . -10.91 13.89 4.36
H192 CHD IA . -12.42 13.42 4.36
H193 CHD IA . -11.47 13.05 3.15
H20 CHD IA . -15.28 10.73 -1.54
H211 CHD IA . -13.42 11.52 -2.60
H212 CHD IA . -14.17 12.81 -3.13
H213 CHD IA . -14.39 11.42 -3.85
H221 CHD IA . -16.59 10.64 -3.58
H222 CHD IA . -17.50 11.06 -2.37
H231 CHD IA . -16.45 12.93 -4.25
H232 CHD IA . -17.43 13.30 -3.06
S SO4 JA . -7.34 19.82 -0.29
O1 SO4 JA . -7.13 18.76 0.69
O2 SO4 JA . -6.59 19.51 -1.51
O3 SO4 JA . -8.77 19.96 -0.62
O4 SO4 JA . -6.84 21.07 0.28
S SO4 KA . 0.75 18.50 1.53
O1 SO4 KA . 0.79 17.07 1.25
O2 SO4 KA . 2.08 19.08 1.28
O3 SO4 KA . -0.23 19.15 0.67
O4 SO4 KA . 0.40 18.71 2.93
C1 CHD LA . -3.96 13.83 -7.91
C2 CHD LA . -3.61 15.30 -8.06
C3 CHD LA . -2.86 15.60 -9.37
O3 CHD LA . -2.50 16.95 -9.37
C4 CHD LA . -1.60 14.73 -9.50
C5 CHD LA . -1.94 13.25 -9.34
C6 CHD LA . -0.56 12.44 -9.46
C7 CHD LA . 0.32 12.45 -8.15
O7 CHD LA . 1.04 13.65 -8.06
C8 CHD LA . -0.47 12.25 -6.87
C9 CHD LA . -1.80 13.18 -6.79
C10 CHD LA . -2.71 12.96 -8.01
C11 CHD LA . -2.49 12.92 -5.48
C12 CHD LA . -1.49 13.11 -4.17
O12 CHD LA . -1.03 14.39 -4.12
C13 CHD LA . -0.30 12.20 -4.27
C14 CHD LA . 0.42 12.40 -5.64
C15 CHD LA . 1.76 11.53 -5.54
C16 CHD LA . 2.16 11.54 -4.01
C17 CHD LA . 0.92 12.35 -3.22
C18 CHD LA . -0.80 10.77 -4.17
C19 CHD LA . -3.16 11.50 -8.05
C20 CHD LA . 0.69 11.82 -1.97
C21 CHD LA . -0.47 12.61 -1.23
C22 CHD LA . 2.00 11.90 -1.07
C23 CHD LA . 2.55 13.34 -0.99
O25 CHD LA . 3.32 14.03 1.21
C24 CHD LA . 3.54 13.35 0.18
O26 CHD LA . 4.60 12.65 0.12
H11 CHD LA . -4.58 13.58 -8.63
H12A CHD LA . -4.38 13.69 -7.06
H21 CHD LA . -3.05 15.56 -7.31
H22 CHD LA . -4.42 15.83 -8.03
H3 CHD LA . -3.45 15.43 -10.13
HO3 CHD LA . -2.88 17.34 -10.03
H41 CHD LA . -1.19 14.87 -10.37
H42 CHD LA . -0.97 14.99 -8.80
H5 CHD LA . -2.51 12.99 -10.08
H61 CHD LA . -0.04 12.82 -10.19
H62 CHD LA . -0.76 11.51 -9.68
H7 CHD LA . 0.97 11.73 -8.21
HO7 CHD LA . 1.76 13.57 -8.51
H8 CHD LA . -0.77 11.33 -6.87
H9 CHD LA . -1.52 14.10 -6.79
H111 CHD LA . -3.23 13.53 -5.39
H112 CHD LA . -2.83 12.01 -5.48
H12 CHD LA . -1.98 12.91 -3.36
HO12 CHD LA . -1.54 14.85 -3.60
H14 CHD LA . 0.72 13.33 -5.66
H151 CHD LA . 2.46 11.93 -6.07
H152 CHD LA . 1.58 10.63 -5.83
H161 CHD LA . 3.00 12.00 -3.89
H162 CHD LA . 2.22 10.63 -3.68
H17 CHD LA . 1.16 13.29 -3.12
H181 CHD LA . -0.04 10.17 -4.07
H182 CHD LA . -1.38 10.68 -3.39
H183 CHD LA . -1.30 10.54 -4.96
H191 CHD LA . -3.62 11.28 -7.23
H192 CHD LA . -3.76 11.37 -8.80
H193 CHD LA . -2.39 10.92 -8.16
H20 CHD LA . 0.43 10.89 -2.08
H211 CHD LA . -0.55 13.50 -1.61
H212 CHD LA . -1.31 12.13 -1.35
H213 CHD LA . -0.26 12.67 -0.28
H221 CHD LA . 1.79 11.59 -0.17
H222 CHD LA . 2.68 11.33 -1.45
H231 CHD LA . 1.82 13.96 -0.81
H232 CHD LA . 3.00 13.58 -1.81
S SO4 MA . -13.14 16.85 13.34
O1 SO4 MA . -12.81 15.93 14.43
O2 SO4 MA . -11.95 17.10 12.53
O3 SO4 MA . -13.59 18.12 13.89
O4 SO4 MA . -14.21 16.31 12.51
S SO4 NA . -22.00 17.64 11.57
O1 SO4 NA . -22.54 16.29 11.66
O2 SO4 NA . -20.54 17.58 11.59
O3 SO4 NA . -22.47 18.43 12.72
O4 SO4 NA . -22.45 18.27 10.34
C1 CHD OA . -18.43 8.07 17.29
C2 CHD OA . -18.44 9.35 18.11
C3 CHD OA . -19.14 9.09 19.46
O3 CHD OA . -19.18 10.28 20.15
C4 CHD OA . -20.58 8.55 19.26
C5 CHD OA . -20.58 7.31 18.39
C6 CHD OA . -22.09 6.83 18.18
C7 CHD OA . -22.90 7.62 17.06
O7 CHD OA . -23.34 8.80 17.66
C8 CHD OA . -22.11 7.88 15.76
C9 CHD OA . -20.63 8.44 16.07
C10 CHD OA . -19.84 7.52 17.03
C11 CHD OA . -19.91 8.69 14.79
C12 CHD OA . -20.77 9.72 13.81
O12 CHD OA . -20.88 10.89 14.48
C13 CHD OA . -22.14 9.21 13.50
C14 CHD OA . -22.89 8.79 14.80
C15 CHD OA . -24.36 8.42 14.30
C16 CHD OA . -24.71 9.52 13.24
C17 CHD OA . -23.23 10.18 12.78
C18 CHD OA . -21.96 7.97 12.61
C19 CHD OA . -19.66 6.14 16.41
C20 CHD OA . -23.11 10.25 11.42
C21 CHD OA . -21.71 10.88 11.02
C22 CHD OA . -24.26 11.15 10.73
C23 CHD OA . -24.24 12.60 11.22
O25 CHD OA . -25.68 14.52 10.76
C24 CHD OA . -25.22 13.42 10.34
O26 CHD OA . -25.55 13.00 9.21
H11 CHD OA . -17.91 7.39 17.75
H12A CHD OA . -18.02 8.25 16.43
H21 CHD OA . -18.92 10.04 17.62
H22 CHD OA . -17.53 9.63 18.27
H3 CHD OA . -18.62 8.44 19.97
HO3 CHD OA . -18.77 10.20 20.90
H41 CHD OA . -20.96 8.35 20.12
H42 CHD OA . -21.12 9.25 18.83
H5 CHD OA . -20.12 6.62 18.87
H61 CHD OA . -22.08 5.89 17.94
H62 CHD OA . -22.56 6.92 19.02
H7 CHD OA . -23.68 7.09 16.83
HO7 CHD OA . -24.13 8.69 17.95
H8 CHD OA . -22.01 7.02 15.33
H9 CHD OA . -20.73 9.29 16.52
H111 CHD OA . -19.05 9.09 14.98
H112 CHD OA . -19.78 7.85 14.33
H12 CHD OA . -20.27 9.87 12.98
HO12 CHD OA . -20.18 11.35 14.37
H14 CHD OA . -23.01 9.62 15.30
H151 CHD OA . -24.37 7.53 13.90
H152 CHD OA . -24.98 8.46 15.05
H161 CHD OA . -25.15 9.12 12.47
H162 CHD OA . -25.28 10.19 13.62
H17 CHD OA . -23.16 11.07 13.14
H181 CHD OA . -21.56 7.26 13.13
H182 CHD OA . -22.83 7.67 12.28
H183 CHD OA . -21.38 8.19 11.87
H191 CHD OA . -19.18 6.22 15.57
H192 CHD OA . -20.53 5.74 16.25
H193 CHD OA . -19.16 5.57 17.01
H20 CHD OA . -23.16 9.36 11.04
H211 CHD OA . -21.42 11.49 11.72
H212 CHD OA . -21.80 11.37 10.18
H213 CHD OA . -21.05 10.17 10.92
H221 CHD OA . -24.14 11.13 9.77
H222 CHD OA . -25.13 10.76 10.95
H231 CHD OA . -24.53 12.64 12.15
H232 CHD OA . -23.35 12.97 11.14
S SO4 PA . -14.09 11.37 18.83
O1 SO4 PA . -13.50 10.44 17.88
O2 SO4 PA . -13.07 12.32 19.26
O3 SO4 PA . -15.18 12.12 18.20
O4 SO4 PA . -14.61 10.61 19.97
S SO4 QA . -6.75 8.50 18.00
O1 SO4 QA . -7.05 7.79 16.77
O2 SO4 QA . -5.56 7.89 18.60
O3 SO4 QA . -6.49 9.91 17.72
O4 SO4 QA . -7.88 8.40 18.93
C1 CHD RA . -10.80 14.12 8.93
C2 CHD RA . -10.25 14.91 10.10
C3 CHD RA . -9.31 16.04 9.59
O3 CHD RA . -8.75 16.70 10.69
C4 CHD RA . -8.18 15.46 8.71
C5 CHD RA . -8.71 14.58 7.57
C6 CHD RA . -7.45 13.97 6.79
C7 CHD RA . -6.73 12.78 7.56
O7 CHD RA . -6.00 13.29 8.60
C8 CHD RA . -7.68 11.75 8.11
C9 CHD RA . -8.92 12.41 8.94
C10 CHD RA . -9.66 13.46 8.09
C11 CHD RA . -9.83 11.31 9.43
C12 CHD RA . -8.99 10.20 10.35
O12 CHD RA . -8.44 10.80 11.42
C13 CHD RA . -7.86 9.59 9.56
C14 CHD RA . -6.95 10.66 8.90
C15 CHD RA . -5.79 9.84 8.19
C16 CHD RA . -5.51 8.60 9.13
C17 CHD RA . -6.74 8.63 10.27
C18 CHD RA . -8.55 8.84 8.42
C19 CHD RA . -10.31 12.79 6.88
C20 CHD RA . -7.17 7.36 10.58
C21 CHD RA . -8.30 7.40 11.67
C22 CHD RA . -5.97 6.43 11.15
C23 CHD RA . -5.56 6.84 12.58
O25 CHD RA . -3.30 6.26 13.20
C24 CHD RA . -4.50 5.88 13.15
O26 CHD RA . -4.84 4.73 13.56
H11 CHD RA . -11.32 14.70 8.34
H12A CHD RA . -11.38 13.41 9.27
H21 CHD RA . -9.76 14.33 10.68
H22 CHD RA . -10.99 15.32 10.58
H3 CHD RA . -9.82 16.68 9.08
HO3 CHD RA . -9.29 17.26 11.00
H41 CHD RA . -7.59 14.93 9.27
H42 CHD RA . -7.68 16.19 8.32
H5 CHD RA . -9.20 15.14 6.97
H61 CHD RA . -6.80 14.69 6.64
H62 CHD RA . -7.75 13.64 5.92
H7 CHD RA . -6.12 12.35 6.94
HO7 CHD RA . -5.21 13.47 8.33
H8 CHD RA . -8.07 11.30 7.34
H9 CHD RA . -8.54 12.85 9.72
H111 CHD RA . -10.53 11.70 9.97
H112 CHD RA . -10.22 10.86 8.67
H12 CHD RA . -9.59 9.51 10.64
HO12 CHD RA . -8.98 10.77 12.08
H14 CHD RA . -6.53 11.14 9.63
H151 CHD RA . -4.98 10.38 8.12
H152 CHD RA . -6.07 9.54 7.31
H161 CHD RA . -4.65 8.69 9.56
H162 CHD RA . -5.57 7.78 8.61
H17 CHD RA . -6.41 9.06 11.08
H181 CHD RA . -8.87 9.48 7.76
H182 CHD RA . -9.30 8.33 8.76
H183 CHD RA . -7.91 8.23 8.00
H191 CHD RA . -9.61 12.40 6.34
H192 CHD RA . -10.91 12.10 7.18
H193 CHD RA . -10.79 13.45 6.36
H20 CHD RA . -7.52 6.94 9.77
H211 CHD RA . -8.29 6.58 12.19
H212 CHD RA . -9.17 7.50 11.25
H213 CHD RA . -8.15 8.16 12.27
H221 CHD RA . -5.20 6.52 10.57
H222 CHD RA . -6.25 5.51 11.15
H231 CHD RA . -5.21 7.74 12.57
H232 CHD RA . -6.35 6.81 13.15
S SO4 SA . -22.30 0.72 24.41
O1 SO4 SA . -23.18 -0.45 24.37
O2 SO4 SA . -20.90 0.31 24.32
O3 SO4 SA . -22.66 1.62 23.30
O4 SO4 SA . -22.50 1.44 25.67
S SO4 TA . -29.75 3.68 24.84
O1 SO4 TA . -30.02 3.43 23.42
O2 SO4 TA . -28.41 3.19 25.19
O3 SO4 TA . -29.84 5.11 25.09
O4 SO4 TA . -30.75 2.98 25.64
C1 CHD UA . -28.82 -6.55 20.17
C2 CHD UA . -28.88 -6.53 21.70
C3 CHD UA . -29.90 -7.56 22.26
O3 CHD UA . -30.02 -7.39 23.64
C4 CHD UA . -31.29 -7.39 21.60
C5 CHD UA . -31.20 -7.43 20.08
C6 CHD UA . -32.69 -7.26 19.49
C7 CHD UA . -33.24 -5.76 19.59
O7 CHD UA . -33.63 -5.47 20.90
C8 CHD UA . -32.23 -4.75 19.11
C9 CHD UA . -30.75 -4.94 19.75
C10 CHD UA . -30.21 -6.36 19.53
C11 CHD UA . -29.83 -3.86 19.24
C12 CHD UA . -30.45 -2.33 19.45
O12 CHD UA . -30.51 -2.06 20.77
C13 CHD UA . -31.82 -2.18 18.89
C14 CHD UA . -32.77 -3.33 19.34
C15 CHD UA . -34.20 -2.94 18.77
C16 CHD UA . -34.30 -1.37 18.90
C17 CHD UA . -32.73 -0.86 19.22
C18 CHD UA . -31.67 -2.28 17.37
C19 CHD UA . -29.99 -6.61 18.04
C20 CHD UA . -32.41 0.25 18.48
C21 CHD UA . -30.95 0.75 18.86
C22 CHD UA . -33.43 1.44 18.78
C23 CHD UA . -33.41 1.87 20.26
O25 CHD UA . -35.47 2.82 21.10
C24 CHD UA . -34.42 3.01 20.44
O26 CHD UA . -34.22 4.14 19.90
H11 CHD UA . -28.24 -5.84 19.88
H12A CHD UA . -28.46 -7.40 19.89
H21 CHD UA . -28.00 -6.74 22.05
H22 CHD UA . -29.13 -5.64 21.99
H3 CHD UA . -29.58 -8.46 22.08
HO3 CHD UA . -29.81 -8.12 24.04
H41 CHD UA . -31.67 -6.55 21.87
H42 CHD UA . -31.87 -8.12 21.89
H5 CHD UA . -30.87 -8.31 19.81
H61 CHD UA . -32.67 -7.53 18.56
H62 CHD UA . -33.27 -7.85 19.98
H7 CHD UA . -34.03 -5.70 19.02
HO7 CHD UA . -34.46 -5.65 21.00
H8 CHD UA . -32.14 -4.86 18.15
H9 CHD UA . -30.84 -4.81 20.71
H111 CHD UA . -28.99 -3.93 19.72
H112 CHD UA . -29.67 -4.01 18.30
H12 CHD UA . -29.86 -1.69 19.03
HO12 CHD UA . -29.73 -2.06 21.09
H14 CHD UA . -32.85 -3.25 20.30
H151 CHD UA . -34.89 -3.37 19.30
H152 CHD UA . -34.27 -3.20 17.83
H161 CHD UA . -34.62 -0.99 18.07
H162 CHD UA . -34.89 -1.13 19.64
H17 CHD UA . -32.65 -0.64 20.16
H181 CHD UA . -31.38 -3.19 17.14
H182 CHD UA . -31.01 -1.65 17.06
H183 CHD UA . -32.52 -2.10 16.94
H191 CHD UA . -29.26 -6.06 17.72
H192 CHD UA . -30.80 -6.39 17.55
H193 CHD UA . -29.77 -7.56 17.89
H20 CHD UA . -32.43 0.03 17.53
H211 CHD UA . -30.75 0.50 19.77
H212 CHD UA . -30.30 0.32 18.26
H213 CHD UA . -30.90 1.71 18.76
H221 CHD UA . -34.33 1.15 18.56
H222 CHD UA . -33.21 2.20 18.23
H231 CHD UA . -33.65 1.13 20.83
H232 CHD UA . -32.51 2.19 20.48
S SO4 VA . -24.52 -7.00 23.39
O1 SO4 VA . -23.48 -7.19 24.40
O2 SO4 VA . -23.89 -6.68 22.12
O3 SO4 VA . -25.39 -5.89 23.79
O4 SO4 VA . -25.31 -8.22 23.27
S SO4 WA . -17.58 -9.56 19.13
O1 SO4 WA . -18.17 -10.89 19.25
O2 SO4 WA . -16.12 -9.67 19.13
O3 SO4 WA . -18.01 -8.93 17.88
O4 SO4 WA . -18.00 -8.75 20.27
C1 CHD XA . -19.29 1.91 19.63
C2 CHD XA . -18.74 1.28 20.90
C3 CHD XA . -17.53 2.07 21.43
O3 CHD XA . -16.94 1.41 22.52
C4 CHD XA . -16.46 2.22 20.33
C5 CHD XA . -17.04 2.81 19.05
C6 CHD XA . -15.85 2.91 17.97
C7 CHD XA . -15.45 1.51 17.37
O7 CHD XA . -14.77 0.81 18.35
C8 CHD XA . -16.65 0.69 16.90
C9 CHD XA . -17.81 0.57 18.05
C10 CHD XA . -18.24 1.99 18.51
C11 CHD XA . -18.98 -0.28 17.61
C12 CHD XA . -18.43 -1.77 17.08
O12 CHD XA . -17.87 -2.41 18.13
C13 CHD XA . -17.39 -1.67 16.01
C14 CHD XA . -16.21 -0.70 16.41
C15 CHD XA . -15.16 -0.82 15.23
C16 CHD XA . -15.20 -2.34 14.80
C17 CHD XA . -16.56 -2.99 15.53
C18 CHD XA . -18.09 -1.05 14.81
C19 CHD XA . -18.85 2.75 17.35
C20 CHD XA . -17.24 -3.80 14.65
C21 CHD XA . -18.47 -4.51 15.36
C22 CHD XA . -16.26 -4.97 14.12
C23 CHD XA . -15.85 -5.90 15.28
O25 CHD XA . -13.87 -7.29 15.16
C24 CHD XA . -15.00 -7.03 14.68
O26 CHD XA . -15.45 -7.67 13.68
H11 CHD XA . -19.59 2.82 19.84
H12A CHD XA . -20.05 1.39 19.32
H21 CHD XA . -19.44 1.26 21.58
H22 CHD XA . -18.46 0.37 20.70
H3 CHD XA . -17.82 2.96 21.72
HO3 CHD XA . -16.99 1.90 23.20
H41 CHD XA . -16.09 1.35 20.14
H42 CHD XA . -15.76 2.80 20.65
H5 CHD XA . -17.35 3.71 19.24
H61 CHD XA . -16.14 3.49 17.25
H62 CHD XA . -15.08 3.31 18.40
H7 CHD XA . -14.86 1.65 16.61
HO7 CHD XA . -13.93 0.82 18.18
H8 CHD XA . -17.03 1.15 16.15
H9 CHD XA . -17.41 0.14 18.81
H111 CHD XA . -19.58 -0.42 18.37
H112 CHD XA . -19.45 0.15 16.89
H12 CHD XA . -19.18 -2.30 16.74
HO12 CHD XA . -18.48 -2.78 18.60
H14 CHD XA . -15.79 -1.11 17.18
H151 CHD XA . -14.27 -0.59 15.54
H152 CHD XA . -15.42 -0.25 14.48
H161 CHD XA . -14.40 -2.80 15.11
H162 CHD XA . -15.27 -2.41 13.83
H17 CHD XA . -16.30 -3.51 16.30
H181 CHD XA . -17.51 -1.08 14.04
H182 CHD XA . -18.31 -0.12 15.01
H183 CHD XA . -18.91 -1.55 14.62
H191 CHD XA . -19.61 2.25 17.00
H192 CHD XA . -19.15 3.62 17.65
H193 CHD XA . -18.18 2.87 16.65
H20 CHD XA . -17.56 -3.29 13.90
H211 CHD XA . -18.25 -4.66 16.30
H212 CHD XA . -18.65 -5.36 14.93
H213 CHD XA . -19.25 -3.94 15.29
H221 CHD XA . -15.47 -4.56 13.74
H222 CHD XA . -16.72 -5.49 13.44
H231 CHD XA . -16.63 -6.26 15.72
H232 CHD XA . -15.31 -5.40 15.93
#